data_6E78
#
_entry.id   6E78
#
_cell.length_a   43.210
_cell.length_b   85.440
_cell.length_c   64.150
_cell.angle_alpha   90.000
_cell.angle_beta   90.000
_cell.angle_gamma   90.000
#
_symmetry.space_group_name_H-M   'P 21 21 2'
#
loop_
_entity.id
_entity.type
_entity.pdbx_description
1 polymer Transthyretin
2 non-polymer '5-(2,4-DIFLUOROPHENYL)-2-HYDROXY-BENZOIC ACID'
3 water water
#
_entity_poly.entity_id   1
_entity_poly.type   'polypeptide(L)'
_entity_poly.pdbx_seq_one_letter_code
;(OCS)PLMVKVLDAVRGSPAINVAVHVFRKAAADTWEPFASGKTSESGELHGLTTEEEFVEGIYKVEIDTKSYWKALGIS
PFHEHAEVVFTANDSGPRRYTIAALLSPYSYSTTAVVTN
;
_entity_poly.pdbx_strand_id   A,B
#
loop_
_chem_comp.id
_chem_comp.type
_chem_comp.name
_chem_comp.formula
1FL non-polymer '5-(2,4-DIFLUOROPHENYL)-2-HYDROXY-BENZOIC ACID' 'C13 H8 F2 O3'
#
# COMPACT_ATOMS: atom_id res chain seq x y z
N OCS A 1 14.35 17.29 9.37
CA OCS A 1 13.13 16.61 8.98
CB OCS A 1 12.33 17.57 8.10
SG OCS A 1 10.71 17.18 7.93
C OCS A 1 13.52 15.35 8.29
O OCS A 1 13.72 15.36 7.13
OD1 OCS A 1 10.23 17.97 6.66
OD2 OCS A 1 10.81 15.81 7.80
OD3 OCS A 1 9.94 17.46 9.05
N PRO A 2 13.60 14.26 8.99
CA PRO A 2 14.01 13.03 8.34
C PRO A 2 12.92 12.25 7.64
N LEU A 3 11.67 12.63 7.81
CA LEU A 3 10.56 11.91 7.21
C LEU A 3 9.51 12.91 6.76
N MET A 4 9.26 12.96 5.44
CA MET A 4 8.29 13.86 4.85
CA MET A 4 8.29 13.86 4.86
C MET A 4 7.35 13.05 3.98
N VAL A 5 6.11 13.51 3.86
CA VAL A 5 5.10 12.84 3.03
C VAL A 5 4.55 13.84 2.03
N LYS A 6 4.46 13.44 0.75
CA LYS A 6 3.94 14.31 -0.29
C LYS A 6 2.87 13.55 -1.06
N VAL A 7 1.70 14.16 -1.26
CA VAL A 7 0.57 13.49 -1.89
C VAL A 7 0.08 14.35 -3.05
N LEU A 8 -0.15 13.70 -4.20
CA LEU A 8 -0.61 14.36 -5.42
C LEU A 8 -1.91 13.72 -5.90
N ASP A 9 -2.70 14.49 -6.62
CA ASP A 9 -4.01 14.09 -7.13
C ASP A 9 -3.89 13.99 -8.65
N ALA A 10 -4.04 12.77 -9.18
CA ALA A 10 -3.86 12.51 -10.60
C ALA A 10 -5.10 12.83 -11.42
N VAL A 11 -6.24 13.09 -10.77
CA VAL A 11 -7.45 13.46 -11.48
C VAL A 11 -7.46 14.95 -11.78
N ARG A 12 -7.10 15.77 -10.79
CA ARG A 12 -7.12 17.22 -10.93
C ARG A 12 -5.76 17.79 -11.31
N GLY A 13 -4.69 16.99 -11.23
CA GLY A 13 -3.36 17.52 -11.50
C GLY A 13 -2.95 18.55 -10.48
N SER A 14 -3.01 18.17 -9.21
CA SER A 14 -2.84 19.15 -8.15
C SER A 14 -2.24 18.47 -6.95
N PRO A 15 -1.70 19.22 -6.00
CA PRO A 15 -1.41 18.64 -4.69
C PRO A 15 -2.71 18.13 -4.09
N ALA A 16 -2.59 17.08 -3.28
CA ALA A 16 -3.74 16.58 -2.53
C ALA A 16 -3.73 17.23 -1.15
N ILE A 17 -4.65 18.18 -0.94
CA ILE A 17 -4.65 19.04 0.22
C ILE A 17 -5.57 18.46 1.29
N ASN A 18 -5.18 18.61 2.55
CA ASN A 18 -6.01 18.24 3.70
C ASN A 18 -6.21 16.73 3.80
N VAL A 19 -5.22 15.96 3.35
CA VAL A 19 -5.26 14.50 3.45
C VAL A 19 -4.68 14.10 4.79
N ALA A 20 -5.41 13.30 5.56
CA ALA A 20 -4.90 12.84 6.83
C ALA A 20 -3.88 11.73 6.61
N VAL A 21 -2.79 11.78 7.39
CA VAL A 21 -1.70 10.83 7.31
C VAL A 21 -1.38 10.38 8.72
N HIS A 22 -1.31 9.06 8.93
CA HIS A 22 -0.96 8.49 10.23
C HIS A 22 0.25 7.59 10.06
N VAL A 23 1.24 7.76 10.93
CA VAL A 23 2.47 6.98 10.90
C VAL A 23 2.52 6.12 12.15
N PHE A 24 2.91 4.86 11.97
CA PHE A 24 3.01 3.89 13.05
C PHE A 24 4.39 3.26 13.02
N ARG A 25 4.86 2.82 14.19
CA ARG A 25 6.12 2.09 14.31
CA ARG A 25 6.11 2.09 14.29
C ARG A 25 5.84 0.70 14.84
N LYS A 26 6.50 -0.30 14.26
CA LYS A 26 6.26 -1.68 14.67
C LYS A 26 6.91 -1.93 16.01
N ALA A 27 6.11 -2.43 16.96
CA ALA A 27 6.56 -2.73 18.30
C ALA A 27 6.92 -4.21 18.42
N ALA A 28 7.69 -4.52 19.48
CA ALA A 28 8.18 -5.88 19.67
C ALA A 28 7.05 -6.90 19.71
N ALA A 29 5.85 -6.49 20.15
CA ALA A 29 4.71 -7.39 20.24
C ALA A 29 3.97 -7.57 18.92
N ASP A 30 4.62 -7.27 17.79
CA ASP A 30 4.01 -7.42 16.46
C ASP A 30 2.73 -6.59 16.35
N THR A 31 2.76 -5.37 16.87
CA THR A 31 1.61 -4.47 16.84
C THR A 31 2.06 -3.09 16.39
N TRP A 32 1.15 -2.36 15.74
CA TRP A 32 1.43 -1.02 15.23
C TRP A 32 1.11 0.01 16.31
N GLU A 33 2.13 0.75 16.75
CA GLU A 33 1.91 1.80 17.73
C GLU A 33 1.91 3.15 17.04
N PRO A 34 0.96 4.03 17.35
CA PRO A 34 0.96 5.36 16.74
C PRO A 34 2.25 6.11 17.02
N PHE A 35 2.77 6.77 15.98
CA PHE A 35 4.06 7.45 16.02
C PHE A 35 3.96 8.94 15.75
N ALA A 36 3.22 9.33 14.71
CA ALA A 36 3.05 10.73 14.32
C ALA A 36 1.89 10.79 13.35
N SER A 37 1.30 11.98 13.22
CA SER A 37 0.23 12.17 12.23
C SER A 37 0.09 13.65 11.90
N GLY A 38 -0.67 13.91 10.84
CA GLY A 38 -0.96 15.28 10.45
C GLY A 38 -1.83 15.29 9.21
N LYS A 39 -2.00 16.46 8.64
CA LYS A 39 -2.73 16.60 7.39
C LYS A 39 -1.87 17.33 6.38
N THR A 40 -1.97 16.95 5.11
CA THR A 40 -1.15 17.61 4.11
C THR A 40 -1.57 19.06 3.94
N SER A 41 -0.58 19.88 3.59
CA SER A 41 -0.74 21.31 3.44
C SER A 41 -1.30 21.64 2.06
N GLU A 42 -1.39 22.94 1.79
CA GLU A 42 -1.80 23.42 0.47
C GLU A 42 -0.87 22.95 -0.63
N SER A 43 0.37 22.59 -0.30
CA SER A 43 1.30 22.07 -1.27
C SER A 43 1.27 20.55 -1.35
N GLY A 44 0.37 19.90 -0.62
CA GLY A 44 0.30 18.45 -0.59
C GLY A 44 1.36 17.80 0.26
N GLU A 45 2.09 18.58 1.05
CA GLU A 45 3.21 18.08 1.83
C GLU A 45 2.88 18.09 3.31
N LEU A 46 3.50 17.15 4.02
CA LEU A 46 3.37 17.06 5.46
C LEU A 46 4.78 16.99 6.03
N HIS A 47 5.19 18.06 6.71
CA HIS A 47 6.51 18.20 7.31
C HIS A 47 6.40 18.10 8.82
N GLY A 48 7.54 17.91 9.48
CA GLY A 48 7.60 17.97 10.93
C GLY A 48 6.99 16.79 11.66
N LEU A 49 6.91 15.62 11.00
CA LEU A 49 6.32 14.45 11.66
C LEU A 49 7.17 13.95 12.81
N THR A 50 8.50 14.00 12.66
CA THR A 50 9.40 13.43 13.65
C THR A 50 10.70 14.22 13.66
N THR A 51 11.65 13.77 14.47
CA THR A 51 12.98 14.37 14.59
C THR A 51 14.03 13.29 14.34
N GLU A 52 15.27 13.73 14.12
CA GLU A 52 16.36 12.78 13.95
C GLU A 52 16.52 11.88 15.19
N GLU A 53 16.35 12.46 16.39
CA GLU A 53 16.52 11.68 17.60
C GLU A 53 15.47 10.58 17.71
N GLU A 54 14.22 10.87 17.35
CA GLU A 54 13.14 9.90 17.57
C GLU A 54 13.01 8.87 16.46
N PHE A 55 13.50 9.18 15.26
CA PHE A 55 13.29 8.36 14.07
C PHE A 55 14.42 7.33 13.94
N VAL A 56 14.38 6.33 14.84
CA VAL A 56 15.40 5.28 14.88
C VAL A 56 15.11 4.18 13.86
N GLU A 57 16.07 3.28 13.68
CA GLU A 57 15.85 2.13 12.81
C GLU A 57 14.66 1.32 13.29
N GLY A 58 13.91 0.81 12.33
CA GLY A 58 12.75 -0.02 12.64
C GLY A 58 11.85 -0.09 11.44
N ILE A 59 10.71 -0.77 11.64
CA ILE A 59 9.70 -0.89 10.61
C ILE A 59 8.59 0.12 10.86
N TYR A 60 8.26 0.90 9.84
CA TYR A 60 7.26 1.95 9.92
C TYR A 60 6.16 1.72 8.91
N LYS A 61 4.96 2.19 9.24
CA LYS A 61 3.81 2.17 8.34
C LYS A 61 3.26 3.58 8.24
N VAL A 62 3.10 4.06 7.00
CA VAL A 62 2.49 5.35 6.71
C VAL A 62 1.13 5.07 6.08
N GLU A 63 0.06 5.46 6.77
N GLU A 63 0.07 5.47 6.78
CA GLU A 63 -1.30 5.29 6.26
CA GLU A 63 -1.29 5.33 6.29
C GLU A 63 -1.83 6.63 5.77
C GLU A 63 -1.77 6.67 5.75
N ILE A 64 -2.23 6.67 4.50
CA ILE A 64 -2.75 7.87 3.86
C ILE A 64 -4.25 7.69 3.69
N ASP A 65 -5.04 8.61 4.26
CA ASP A 65 -6.50 8.44 4.32
C ASP A 65 -7.14 8.89 3.00
N THR A 66 -6.96 8.05 1.98
CA THR A 66 -7.38 8.38 0.62
C THR A 66 -8.90 8.33 0.45
N LYS A 67 -9.59 7.43 1.14
CA LYS A 67 -11.04 7.32 0.94
C LYS A 67 -11.75 8.61 1.33
N SER A 68 -11.41 9.19 2.49
CA SER A 68 -12.01 10.46 2.88
C SER A 68 -11.72 11.57 1.89
N TYR A 69 -10.53 11.53 1.28
CA TYR A 69 -10.18 12.57 0.31
C TYR A 69 -11.09 12.52 -0.91
N TRP A 70 -11.27 11.33 -1.48
CA TRP A 70 -12.14 11.21 -2.65
C TRP A 70 -13.59 11.49 -2.28
N LYS A 71 -14.01 11.07 -1.09
CA LYS A 71 -15.40 11.29 -0.69
C LYS A 71 -15.71 12.78 -0.59
N ALA A 72 -14.75 13.58 -0.09
CA ALA A 72 -14.93 15.02 -0.04
C ALA A 72 -15.05 15.64 -1.43
N LEU A 73 -14.52 14.99 -2.45
CA LEU A 73 -14.65 15.46 -3.82
C LEU A 73 -15.83 14.84 -4.57
N GLY A 74 -16.62 13.99 -3.93
CA GLY A 74 -17.75 13.39 -4.63
C GLY A 74 -17.38 12.29 -5.60
N ILE A 75 -16.24 11.65 -5.43
CA ILE A 75 -15.74 10.62 -6.33
C ILE A 75 -15.69 9.30 -5.56
N SER A 76 -16.20 8.23 -6.16
CA SER A 76 -16.26 6.93 -5.51
C SER A 76 -14.93 6.20 -5.63
N PRO A 77 -14.22 5.99 -4.51
CA PRO A 77 -12.89 5.39 -4.58
C PRO A 77 -12.90 3.91 -4.28
N PHE A 78 -11.80 3.24 -4.61
CA PHE A 78 -11.66 1.81 -4.37
C PHE A 78 -11.08 1.48 -3.00
N HIS A 79 -10.00 2.15 -2.62
CA HIS A 79 -9.22 1.75 -1.46
C HIS A 79 -9.77 2.39 -0.19
N GLU A 80 -9.60 1.67 0.92
CA GLU A 80 -9.89 2.28 2.21
C GLU A 80 -8.85 3.33 2.56
N HIS A 81 -7.60 3.03 2.26
CA HIS A 81 -6.50 3.97 2.45
C HIS A 81 -5.33 3.39 1.68
N ALA A 82 -4.28 4.19 1.54
CA ALA A 82 -3.03 3.68 1.00
C ALA A 82 -2.08 3.45 2.16
N GLU A 83 -1.40 2.31 2.15
CA GLU A 83 -0.49 1.94 3.22
C GLU A 83 0.91 1.74 2.64
N VAL A 84 1.91 2.34 3.29
CA VAL A 84 3.29 2.26 2.84
C VAL A 84 4.09 1.73 4.02
N VAL A 85 4.64 0.52 3.89
CA VAL A 85 5.33 -0.16 4.99
C VAL A 85 6.77 -0.36 4.57
N PHE A 86 7.71 0.03 5.43
CA PHE A 86 9.13 0.06 5.07
C PHE A 86 10.00 0.01 6.31
N THR A 87 11.24 -0.44 6.12
CA THR A 87 12.27 -0.39 7.15
C THR A 87 13.13 0.85 6.99
N ALA A 88 13.37 1.55 8.09
CA ALA A 88 14.26 2.70 8.08
C ALA A 88 15.61 2.19 8.57
N ASN A 89 16.67 2.50 7.82
N ASN A 89 16.66 2.49 7.82
CA ASN A 89 18.00 1.97 8.10
CA ASN A 89 17.99 1.97 8.13
C ASN A 89 19.01 3.10 8.24
C ASN A 89 19.00 3.10 8.25
N ASP A 90 19.91 2.96 9.21
CA ASP A 90 21.01 3.89 9.41
C ASP A 90 22.16 3.46 8.50
N SER A 91 22.10 3.91 7.26
CA SER A 91 23.15 3.69 6.26
C SER A 91 23.94 4.96 6.01
N GLY A 92 24.05 5.83 7.02
CA GLY A 92 24.56 7.16 6.82
C GLY A 92 23.41 8.14 6.91
N PRO A 93 23.68 9.43 6.82
CA PRO A 93 22.59 10.40 6.94
C PRO A 93 21.58 10.19 5.82
N ARG A 94 20.30 10.08 6.19
CA ARG A 94 19.26 9.92 5.19
C ARG A 94 18.06 10.78 5.53
N ARG A 95 17.41 11.28 4.50
CA ARG A 95 16.08 11.86 4.57
C ARG A 95 15.14 11.02 3.72
N TYR A 96 13.95 10.74 4.22
CA TYR A 96 12.99 9.89 3.52
C TYR A 96 11.81 10.76 3.11
N THR A 97 11.52 10.80 1.82
CA THR A 97 10.27 11.37 1.33
C THR A 97 9.41 10.23 0.79
N ILE A 98 8.23 10.06 1.37
CA ILE A 98 7.27 9.08 0.89
C ILE A 98 6.28 9.86 0.05
N ALA A 99 6.29 9.61 -1.26
CA ALA A 99 5.40 10.29 -2.18
C ALA A 99 4.31 9.33 -2.65
N ALA A 100 3.12 9.86 -2.83
CA ALA A 100 1.99 9.06 -3.29
C ALA A 100 1.22 9.84 -4.33
N LEU A 101 0.85 9.17 -5.40
CA LEU A 101 0.05 9.74 -6.47
C LEU A 101 -1.27 9.00 -6.49
N LEU A 102 -2.37 9.74 -6.35
CA LEU A 102 -3.68 9.15 -6.07
C LEU A 102 -4.63 9.28 -7.27
N SER A 103 -5.28 8.18 -7.60
CA SER A 103 -6.45 8.12 -8.46
C SER A 103 -7.53 7.33 -7.75
N PRO A 104 -8.79 7.45 -8.20
CA PRO A 104 -9.86 6.76 -7.45
C PRO A 104 -9.68 5.26 -7.33
N TYR A 105 -9.19 4.59 -8.38
CA TYR A 105 -9.03 3.14 -8.39
C TYR A 105 -7.57 2.71 -8.47
N SER A 106 -6.63 3.61 -8.20
CA SER A 106 -5.22 3.29 -8.33
CA SER A 106 -5.22 3.27 -8.31
C SER A 106 -4.41 4.26 -7.50
N TYR A 107 -3.29 3.78 -6.97
CA TYR A 107 -2.30 4.71 -6.43
C TYR A 107 -0.91 4.17 -6.69
N SER A 108 0.05 5.09 -6.71
CA SER A 108 1.45 4.71 -6.79
C SER A 108 2.16 5.38 -5.64
N THR A 109 3.19 4.71 -5.12
CA THR A 109 3.99 5.31 -4.08
C THR A 109 5.45 5.07 -4.37
N THR A 110 6.27 6.07 -4.06
CA THR A 110 7.70 5.98 -4.26
C THR A 110 8.37 6.56 -3.03
N ALA A 111 9.54 6.03 -2.73
CA ALA A 111 10.39 6.59 -1.69
C ALA A 111 11.56 7.28 -2.35
N VAL A 112 11.80 8.52 -1.99
CA VAL A 112 12.99 9.26 -2.41
C VAL A 112 13.85 9.40 -1.17
N VAL A 113 15.00 8.75 -1.17
CA VAL A 113 15.88 8.70 -0.01
C VAL A 113 17.17 9.41 -0.40
N THR A 114 17.49 10.48 0.32
CA THR A 114 18.61 11.35 -0.01
C THR A 114 19.48 11.60 1.22
N ASN A 115 20.71 12.04 0.96
CA ASN A 115 21.66 12.37 2.01
C ASN A 115 21.69 13.88 2.22
N OCS B 1 -14.13 -16.78 -10.80
CA OCS B 1 -12.99 -16.37 -10.00
CB OCS B 1 -11.78 -16.54 -10.87
SG OCS B 1 -10.43 -16.50 -9.95
C OCS B 1 -13.24 -14.95 -9.69
O OCS B 1 -13.01 -14.09 -10.51
OD1 OCS B 1 -10.45 -15.25 -9.38
OD2 OCS B 1 -10.47 -17.43 -8.93
OD3 OCS B 1 -9.15 -16.62 -10.83
N PRO B 2 -13.71 -14.68 -8.51
CA PRO B 2 -14.05 -13.32 -8.15
C PRO B 2 -12.92 -12.46 -7.65
N LEU B 3 -11.78 -13.05 -7.38
CA LEU B 3 -10.65 -12.28 -6.88
C LEU B 3 -9.37 -12.84 -7.48
N MET B 4 -8.68 -12.04 -8.29
CA MET B 4 -7.44 -12.43 -8.95
CA MET B 4 -7.43 -12.44 -8.90
C MET B 4 -6.40 -11.34 -8.67
N VAL B 5 -5.13 -11.75 -8.60
CA VAL B 5 -4.03 -10.81 -8.34
C VAL B 5 -3.02 -10.98 -9.46
N LYS B 6 -2.56 -9.86 -10.03
CA LYS B 6 -1.59 -9.89 -11.12
C LYS B 6 -0.43 -8.99 -10.76
N VAL B 7 0.80 -9.48 -10.91
CA VAL B 7 1.99 -8.72 -10.49
C VAL B 7 2.98 -8.66 -11.64
N LEU B 8 3.48 -7.46 -11.92
CA LEU B 8 4.46 -7.23 -12.97
C LEU B 8 5.72 -6.61 -12.41
N ASP B 9 6.84 -6.84 -13.09
CA ASP B 9 8.16 -6.36 -12.69
C ASP B 9 8.59 -5.27 -13.68
N ALA B 10 8.71 -4.04 -13.18
CA ALA B 10 9.03 -2.90 -14.02
C ALA B 10 10.52 -2.76 -14.31
N VAL B 11 11.36 -3.56 -13.67
CA VAL B 11 12.80 -3.55 -13.95
C VAL B 11 13.11 -4.43 -15.14
N ARG B 12 12.51 -5.62 -15.18
CA ARG B 12 12.77 -6.59 -16.22
C ARG B 12 11.73 -6.60 -17.33
N GLY B 13 10.58 -5.95 -17.13
CA GLY B 13 9.53 -5.98 -18.14
C GLY B 13 8.95 -7.36 -18.31
N SER B 14 8.52 -7.94 -17.20
CA SER B 14 8.13 -9.33 -17.18
C SER B 14 7.07 -9.51 -16.13
N PRO B 15 6.32 -10.60 -16.18
CA PRO B 15 5.54 -10.97 -15.01
C PRO B 15 6.46 -11.18 -13.81
N ALA B 16 5.92 -10.91 -12.62
CA ALA B 16 6.62 -11.19 -11.37
C ALA B 16 6.16 -12.58 -10.90
N ILE B 17 7.04 -13.56 -11.02
CA ILE B 17 6.71 -14.97 -10.82
C ILE B 17 7.04 -15.35 -9.38
N ASN B 18 6.20 -16.21 -8.80
CA ASN B 18 6.46 -16.80 -7.47
C ASN B 18 6.37 -15.76 -6.35
N VAL B 19 5.53 -14.74 -6.53
CA VAL B 19 5.34 -13.73 -5.52
C VAL B 19 4.26 -14.22 -4.55
N ALA B 20 4.58 -14.23 -3.27
CA ALA B 20 3.61 -14.67 -2.28
C ALA B 20 2.59 -13.57 -2.02
N VAL B 21 1.33 -13.99 -1.88
CA VAL B 21 0.20 -13.10 -1.64
C VAL B 21 -0.62 -13.67 -0.51
N HIS B 22 -0.95 -12.83 0.48
CA HIS B 22 -1.80 -13.22 1.59
C HIS B 22 -3.01 -12.29 1.64
N VAL B 23 -4.20 -12.86 1.74
CA VAL B 23 -5.43 -12.08 1.78
C VAL B 23 -6.04 -12.25 3.16
N PHE B 24 -6.50 -11.14 3.73
CA PHE B 24 -7.12 -11.13 5.03
C PHE B 24 -8.48 -10.44 4.93
N ARG B 25 -9.39 -10.80 5.84
CA ARG B 25 -10.70 -10.19 5.89
C ARG B 25 -10.93 -9.64 7.28
N LYS B 26 -11.45 -8.42 7.36
CA LYS B 26 -11.67 -7.80 8.67
C LYS B 26 -12.85 -8.44 9.38
N ALA B 27 -12.62 -8.90 10.61
CA ALA B 27 -13.64 -9.56 11.42
C ALA B 27 -14.27 -8.57 12.38
N ALA B 28 -15.42 -8.98 12.93
CA ALA B 28 -16.21 -8.11 13.80
C ALA B 28 -15.40 -7.55 14.97
N ALA B 29 -14.39 -8.29 15.43
CA ALA B 29 -13.57 -7.85 16.55
C ALA B 29 -12.47 -6.88 16.15
N ASP B 30 -12.59 -6.21 15.00
CA ASP B 30 -11.59 -5.28 14.50
C ASP B 30 -10.22 -5.97 14.36
N THR B 31 -10.24 -7.18 13.82
CA THR B 31 -9.03 -7.96 13.63
C THR B 31 -9.02 -8.54 12.22
N TRP B 32 -7.81 -8.73 11.69
CA TRP B 32 -7.64 -9.28 10.36
C TRP B 32 -7.58 -10.80 10.47
N GLU B 33 -8.55 -11.47 9.86
CA GLU B 33 -8.52 -12.92 9.84
C GLU B 33 -7.98 -13.43 8.51
N PRO B 34 -7.11 -14.43 8.52
CA PRO B 34 -6.62 -14.99 7.26
C PRO B 34 -7.78 -15.49 6.41
N PHE B 35 -7.74 -15.17 5.13
CA PHE B 35 -8.82 -15.47 4.19
C PHE B 35 -8.37 -16.39 3.06
N ALA B 36 -7.22 -16.13 2.44
CA ALA B 36 -6.71 -16.96 1.36
C ALA B 36 -5.25 -16.58 1.14
N SER B 37 -4.50 -17.48 0.50
CA SER B 37 -3.14 -17.12 0.10
C SER B 37 -2.70 -17.97 -1.09
N GLY B 38 -1.61 -17.55 -1.71
CA GLY B 38 -1.04 -18.28 -2.83
C GLY B 38 0.18 -17.56 -3.38
N LYS B 39 0.67 -18.06 -4.51
CA LYS B 39 1.81 -17.45 -5.19
C LYS B 39 1.48 -17.22 -6.65
N THR B 40 2.03 -16.15 -7.22
CA THR B 40 1.80 -15.89 -8.63
C THR B 40 2.48 -16.94 -9.51
N SER B 41 1.86 -17.20 -10.66
CA SER B 41 2.29 -18.20 -11.63
C SER B 41 3.35 -17.62 -12.55
N GLU B 42 3.76 -18.42 -13.55
CA GLU B 42 4.69 -17.97 -14.57
C GLU B 42 4.16 -16.77 -15.35
N SER B 43 2.84 -16.55 -15.37
CA SER B 43 2.25 -15.40 -16.03
C SER B 43 2.09 -14.22 -15.10
N GLY B 44 2.53 -14.34 -13.84
CA GLY B 44 2.37 -13.29 -12.87
C GLY B 44 1.00 -13.21 -12.25
N GLU B 45 0.15 -14.21 -12.47
CA GLU B 45 -1.23 -14.17 -12.02
C GLU B 45 -1.45 -15.20 -10.93
N LEU B 46 -2.38 -14.88 -10.04
CA LEU B 46 -2.77 -15.78 -8.96
C LEU B 46 -4.28 -15.89 -9.04
N HIS B 47 -4.75 -17.07 -9.44
CA HIS B 47 -6.15 -17.41 -9.58
C HIS B 47 -6.53 -18.40 -8.47
N GLY B 48 -7.84 -18.55 -8.30
CA GLY B 48 -8.37 -19.57 -7.41
C GLY B 48 -8.25 -19.29 -5.94
N LEU B 49 -8.11 -18.01 -5.56
CA LEU B 49 -8.00 -17.67 -4.14
C LEU B 49 -9.29 -17.97 -3.38
N THR B 50 -10.45 -17.75 -4.01
CA THR B 50 -11.71 -17.88 -3.29
C THR B 50 -12.84 -18.27 -4.25
N THR B 51 -14.04 -18.38 -3.71
CA THR B 51 -15.23 -18.70 -4.47
C THR B 51 -16.24 -17.59 -4.28
N GLU B 52 -17.24 -17.55 -5.15
CA GLU B 52 -18.31 -16.58 -5.01
C GLU B 52 -19.01 -16.75 -3.66
N GLU B 53 -19.21 -17.99 -3.21
CA GLU B 53 -19.89 -18.22 -1.94
C GLU B 53 -19.10 -17.66 -0.76
N GLU B 54 -17.78 -17.86 -0.75
CA GLU B 54 -17.00 -17.48 0.41
C GLU B 54 -16.62 -16.02 0.43
N PHE B 55 -16.65 -15.38 -0.74
CA PHE B 55 -16.19 -13.99 -0.91
C PHE B 55 -17.37 -13.03 -0.67
N VAL B 56 -17.75 -12.94 0.59
CA VAL B 56 -18.88 -12.10 1.01
C VAL B 56 -18.43 -10.65 1.11
N GLU B 57 -19.41 -9.76 1.36
CA GLU B 57 -19.11 -8.37 1.63
C GLU B 57 -18.15 -8.26 2.80
N GLY B 58 -17.26 -7.29 2.74
CA GLY B 58 -16.38 -7.02 3.85
C GLY B 58 -15.22 -6.15 3.41
N ILE B 59 -14.34 -5.90 4.36
CA ILE B 59 -13.11 -5.16 4.10
C ILE B 59 -11.99 -6.19 4.00
N TYR B 60 -11.26 -6.15 2.90
CA TYR B 60 -10.23 -7.14 2.60
C TYR B 60 -8.89 -6.44 2.48
N LYS B 61 -7.84 -7.16 2.85
CA LYS B 61 -6.47 -6.67 2.70
C LYS B 61 -5.72 -7.71 1.89
N VAL B 62 -5.11 -7.27 0.80
CA VAL B 62 -4.25 -8.09 -0.06
C VAL B 62 -2.82 -7.64 0.18
N GLU B 63 -2.03 -8.52 0.80
CA GLU B 63 -0.62 -8.25 1.08
CA GLU B 63 -0.63 -8.25 1.09
C GLU B 63 0.21 -8.99 0.06
N ILE B 64 1.00 -8.23 -0.71
CA ILE B 64 1.87 -8.79 -1.74
C ILE B 64 3.30 -8.72 -1.20
N ASP B 65 3.94 -9.86 -1.08
CA ASP B 65 5.27 -9.95 -0.43
C ASP B 65 6.39 -9.51 -1.38
N THR B 66 6.47 -8.21 -1.59
CA THR B 66 7.42 -7.66 -2.57
C THR B 66 8.87 -7.75 -2.08
N LYS B 67 9.11 -7.60 -0.77
CA LYS B 67 10.50 -7.61 -0.31
C LYS B 67 11.14 -8.96 -0.58
N SER B 68 10.44 -10.07 -0.31
CA SER B 68 10.98 -11.38 -0.59
C SER B 68 11.26 -11.55 -2.08
N TYR B 69 10.40 -10.97 -2.93
CA TYR B 69 10.61 -11.08 -4.37
C TYR B 69 11.91 -10.40 -4.80
N TRP B 70 12.12 -9.16 -4.37
CA TRP B 70 13.33 -8.43 -4.79
C TRP B 70 14.59 -9.04 -4.23
N LYS B 71 14.55 -9.52 -2.99
CA LYS B 71 15.76 -10.05 -2.37
C LYS B 71 16.27 -11.27 -3.12
N ALA B 72 15.36 -12.13 -3.59
CA ALA B 72 15.75 -13.29 -4.38
C ALA B 72 16.42 -12.91 -5.69
N LEU B 73 16.18 -11.69 -6.18
CA LEU B 73 16.83 -11.16 -7.36
C LEU B 73 18.09 -10.36 -7.02
N GLY B 74 18.50 -10.35 -5.76
CA GLY B 74 19.68 -9.64 -5.31
C GLY B 74 19.49 -8.16 -5.12
N ILE B 75 18.26 -7.69 -4.97
CA ILE B 75 17.95 -6.28 -4.80
C ILE B 75 17.39 -6.06 -3.41
N SER B 76 17.93 -5.06 -2.71
CA SER B 76 17.40 -4.68 -1.41
C SER B 76 16.39 -3.57 -1.64
N PRO B 77 15.10 -3.84 -1.54
CA PRO B 77 14.08 -2.85 -1.91
C PRO B 77 13.67 -2.03 -0.68
N PHE B 78 12.85 -1.02 -0.94
CA PHE B 78 12.45 -0.10 0.12
C PHE B 78 11.32 -0.68 0.96
N HIS B 79 10.28 -1.22 0.33
CA HIS B 79 9.06 -1.59 1.02
C HIS B 79 9.13 -3.01 1.58
N GLU B 80 8.43 -3.21 2.71
CA GLU B 80 8.29 -4.57 3.23
C GLU B 80 7.33 -5.39 2.37
N HIS B 81 6.22 -4.79 1.97
CA HIS B 81 5.25 -5.43 1.10
C HIS B 81 4.36 -4.32 0.57
N ALA B 82 3.54 -4.67 -0.41
CA ALA B 82 2.48 -3.78 -0.85
C ALA B 82 1.19 -4.28 -0.25
N GLU B 83 0.40 -3.37 0.30
CA GLU B 83 -0.87 -3.70 0.93
C GLU B 83 -1.98 -2.98 0.19
N VAL B 84 -3.03 -3.71 -0.15
CA VAL B 84 -4.17 -3.17 -0.88
C VAL B 84 -5.39 -3.46 -0.01
N VAL B 85 -6.01 -2.42 0.52
CA VAL B 85 -7.12 -2.55 1.47
C VAL B 85 -8.35 -1.91 0.84
N PHE B 86 -9.46 -2.67 0.81
CA PHE B 86 -10.64 -2.23 0.07
C PHE B 86 -11.90 -2.91 0.58
N THR B 87 -13.03 -2.25 0.39
CA THR B 87 -14.33 -2.87 0.64
C THR B 87 -14.76 -3.59 -0.62
N ALA B 88 -15.14 -4.85 -0.47
CA ALA B 88 -15.62 -5.68 -1.57
C ALA B 88 -17.10 -6.02 -1.43
N ASN B 89 -17.77 -6.12 -2.57
CA ASN B 89 -19.13 -6.67 -2.69
C ASN B 89 -20.18 -5.87 -1.94
N ASP B 90 -19.93 -4.58 -1.68
CA ASP B 90 -20.89 -3.79 -0.92
C ASP B 90 -22.12 -3.41 -1.75
N SER B 91 -22.02 -3.45 -3.07
CA SER B 91 -23.17 -3.24 -3.95
C SER B 91 -23.59 -4.52 -4.65
N GLY B 92 -23.28 -5.68 -4.07
CA GLY B 92 -23.48 -6.95 -4.72
C GLY B 92 -22.18 -7.55 -5.21
N PRO B 93 -22.23 -8.80 -5.67
CA PRO B 93 -21.02 -9.50 -6.10
C PRO B 93 -20.36 -8.80 -7.29
N ARG B 94 -19.04 -8.66 -7.21
CA ARG B 94 -18.22 -8.13 -8.29
C ARG B 94 -17.01 -9.03 -8.48
N ARG B 95 -16.40 -8.95 -9.65
CA ARG B 95 -15.11 -9.60 -9.89
C ARG B 95 -14.02 -8.55 -9.79
N TYR B 96 -12.97 -8.87 -9.05
CA TYR B 96 -11.89 -7.95 -8.73
C TYR B 96 -10.57 -8.49 -9.24
N THR B 97 -9.86 -7.68 -10.04
CA THR B 97 -8.46 -7.92 -10.35
C THR B 97 -7.64 -6.85 -9.66
N ILE B 98 -6.74 -7.27 -8.77
CA ILE B 98 -5.80 -6.39 -8.10
C ILE B 98 -4.48 -6.55 -8.83
N ALA B 99 -4.04 -5.49 -9.51
CA ALA B 99 -2.80 -5.51 -10.26
C ALA B 99 -1.75 -4.68 -9.52
N ALA B 100 -0.51 -5.13 -9.54
CA ALA B 100 0.58 -4.37 -8.94
C ALA B 100 1.77 -4.37 -9.89
N LEU B 101 2.40 -3.21 -10.02
CA LEU B 101 3.59 -3.03 -10.84
C LEU B 101 4.72 -2.64 -9.90
N LEU B 102 5.81 -3.41 -9.91
CA LEU B 102 6.84 -3.33 -8.87
C LEU B 102 8.16 -2.79 -9.39
N SER B 103 8.75 -1.86 -8.64
CA SER B 103 10.13 -1.44 -8.79
C SER B 103 10.75 -1.48 -7.40
N PRO B 104 12.08 -1.47 -7.29
CA PRO B 104 12.69 -1.60 -5.94
C PRO B 104 12.26 -0.54 -4.94
N TYR B 105 12.07 0.72 -5.36
CA TYR B 105 11.72 1.81 -4.45
C TYR B 105 10.33 2.39 -4.73
N SER B 106 9.50 1.70 -5.50
CA SER B 106 8.21 2.25 -5.90
C SER B 106 7.32 1.11 -6.31
N TYR B 107 6.02 1.26 -6.04
CA TYR B 107 5.07 0.37 -6.69
C TYR B 107 3.77 1.10 -6.96
N SER B 108 2.99 0.54 -7.87
CA SER B 108 1.68 1.06 -8.19
CA SER B 108 1.67 1.07 -8.13
C SER B 108 0.69 -0.08 -8.09
N THR B 109 -0.52 0.22 -7.67
CA THR B 109 -1.54 -0.79 -7.65
C THR B 109 -2.82 -0.21 -8.22
N THR B 110 -3.54 -1.05 -8.95
CA THR B 110 -4.79 -0.65 -9.57
C THR B 110 -5.78 -1.80 -9.38
N ALA B 111 -7.06 -1.46 -9.28
CA ALA B 111 -8.12 -2.45 -9.27
C ALA B 111 -8.96 -2.33 -10.53
N VAL B 112 -9.24 -3.45 -11.17
CA VAL B 112 -10.22 -3.55 -12.24
C VAL B 112 -11.40 -4.33 -11.67
N VAL B 113 -12.55 -3.67 -11.60
CA VAL B 113 -13.76 -4.21 -10.98
C VAL B 113 -14.83 -4.34 -12.06
N THR B 114 -15.32 -5.56 -12.26
CA THR B 114 -16.31 -5.79 -13.29
C THR B 114 -17.54 -6.46 -12.70
N ASN B 115 -18.67 -6.30 -13.39
CA ASN B 115 -19.92 -6.91 -12.96
C ASN B 115 -20.23 -8.11 -13.85
FAT 1FL C . 7.41 10.86 -6.09
CAN 1FL C . 7.02 12.10 -6.49
CAM 1FL C . 7.59 13.23 -5.91
CAF 1FL C . 7.19 14.50 -6.33
FAE 1FL C . 7.75 15.61 -5.76
CAG 1FL C . 6.23 14.63 -7.31
CAH 1FL C . 5.67 13.51 -7.88
CAO 1FL C . 6.05 12.24 -7.46
CAP 1FL C . 5.41 11.04 -8.14
CAI 1FL C . 5.28 11.10 -9.52
CAJ 1FL C . 4.72 10.07 -10.22
CAC 1FL C . 4.63 10.24 -11.73
OAD 1FL C . 3.58 9.92 -12.35
OAB 1FL C . 5.61 10.72 -12.36
CAQ 1FL C . 4.95 9.92 -7.46
CAR 1FL C . 4.39 8.86 -8.17
CAK 1FL C . 4.27 8.94 -9.55
OAL 1FL C . 3.68 7.87 -10.26
FAT 1FL D . -3.31 -2.64 -13.82
CAN 1FL D . -2.56 -3.43 -14.66
CAM 1FL D . -3.13 -4.57 -15.22
CAF 1FL D . -2.37 -5.36 -16.08
FAE 1FL D . -2.91 -6.48 -16.64
CAG 1FL D . -1.06 -5.03 -16.36
CAH 1FL D . -0.51 -3.89 -15.80
CAO 1FL D . -1.26 -3.10 -14.93
CAP 1FL D . -0.60 -1.85 -14.37
CAI 1FL D . -0.01 -1.03 -15.30
CAJ 1FL D . 0.62 0.14 -14.92
CAC 1FL D . 1.22 0.96 -16.06
OAD 1FL D . 0.54 1.18 -17.09
OAB 1FL D . 2.40 1.39 -15.99
CAQ 1FL D . -0.57 -1.52 -13.02
CAR 1FL D . 0.07 -0.33 -12.64
CAK 1FL D . 0.66 0.49 -13.59
OAL 1FL D . 1.30 1.68 -13.19
#